data_2FHP
#
_entry.id   2FHP
#
_cell.length_a   42.730
_cell.length_b   61.431
_cell.length_c   70.579
_cell.angle_alpha   90.00
_cell.angle_beta   97.27
_cell.angle_gamma   90.00
#
_symmetry.space_group_name_H-M   'P 1 21 1'
#
loop_
_entity.id
_entity.type
_entity.pdbx_description
1 polymer 'methylase, putative'
2 water water
#
_entity_poly.entity_id   1
_entity_poly.type   'polypeptide(L)'
_entity_poly.pdbx_seq_one_letter_code
;SNA(MSE)RVISGEYGGRRLKALDGDNTRPTTDKVKESIFN(MSE)IGPYFDGG(MSE)ALDLYSGSGGLAIEAVSRG
(MSE)DKSICIEKNFAALKVIKENIAITKEPEKFEVRK(MSE)DANRALEQFYEEKLQFDLVLLDPPYAKQEIVSQLEK
(MSE)LERQLLTNEAVIVCETDKTVKLPETIGTLKKTRETVYGITQVTIYRQEA
;
_entity_poly.pdbx_strand_id   A,B
#
# COMPACT_ATOMS: atom_id res chain seq x y z
N ALA A 3 12.31 34.51 -17.41
CA ALA A 3 12.66 33.60 -16.28
C ALA A 3 11.43 32.77 -15.90
N ARG A 5 8.34 30.88 -14.10
CA ARG A 5 7.41 31.36 -13.10
C ARG A 5 6.32 30.34 -12.92
N VAL A 6 5.74 30.29 -11.72
CA VAL A 6 4.50 29.54 -11.52
C VAL A 6 3.42 30.31 -12.27
N ILE A 7 2.61 29.59 -13.05
CA ILE A 7 1.61 30.26 -13.89
C ILE A 7 0.37 30.65 -13.12
N SER A 8 -0.25 29.68 -12.45
CA SER A 8 -1.52 29.96 -11.79
C SER A 8 -1.63 29.24 -10.46
N GLY A 9 -2.68 29.56 -9.71
CA GLY A 9 -2.93 28.95 -8.41
C GLY A 9 -2.32 29.72 -7.26
N GLU A 10 -2.22 29.07 -6.11
CA GLU A 10 -1.79 29.74 -4.89
C GLU A 10 -0.42 30.40 -5.04
N TYR A 11 0.47 29.77 -5.80
CA TYR A 11 1.84 30.28 -5.96
C TYR A 11 2.04 31.05 -7.26
N GLY A 12 0.92 31.37 -7.92
CA GLY A 12 0.95 32.03 -9.23
C GLY A 12 1.80 33.27 -9.22
N GLY A 13 2.63 33.40 -10.25
CA GLY A 13 3.47 34.58 -10.45
C GLY A 13 4.80 34.52 -9.75
N ARG A 14 5.02 33.53 -8.89
CA ARG A 14 6.30 33.47 -8.17
C ARG A 14 7.43 32.96 -9.07
N ARG A 15 8.61 33.57 -8.95
N ARG A 15 8.60 33.59 -8.95
CA ARG A 15 9.74 33.21 -9.81
CA ARG A 15 9.79 33.18 -9.71
C ARG A 15 10.45 31.94 -9.31
C ARG A 15 10.26 31.80 -9.28
N LEU A 16 10.76 31.05 -10.24
CA LEU A 16 11.44 29.79 -9.94
C LEU A 16 12.81 29.77 -10.60
N LYS A 17 13.69 28.95 -10.07
CA LYS A 17 15.05 28.82 -10.60
C LYS A 17 15.09 27.64 -11.55
N ALA A 18 15.70 27.82 -12.71
CA ALA A 18 15.85 26.73 -13.68
C ALA A 18 17.17 26.02 -13.45
N LEU A 19 17.23 24.76 -13.88
CA LEU A 19 18.52 24.08 -13.96
C LEU A 19 19.37 24.81 -15.00
N ASP A 20 20.69 24.76 -14.84
CA ASP A 20 21.58 25.30 -15.87
C ASP A 20 21.26 24.71 -17.24
N GLY A 21 21.25 25.58 -18.24
CA GLY A 21 20.96 25.16 -19.60
C GLY A 21 21.92 24.13 -20.14
N ASP A 22 21.40 23.16 -20.87
CA ASP A 22 22.24 22.17 -21.51
C ASP A 22 21.75 21.79 -22.91
N ASN A 23 21.05 22.73 -23.55
CA ASN A 23 20.60 22.61 -24.93
C ASN A 23 19.65 21.46 -25.24
N THR A 24 19.00 20.92 -24.21
CA THR A 24 18.01 19.86 -24.37
C THR A 24 16.60 20.45 -24.48
N ARG A 25 15.66 19.66 -24.99
CA ARG A 25 14.30 20.14 -25.28
C ARG A 25 13.63 20.72 -24.01
N PRO A 26 13.33 22.03 -24.02
CA PRO A 26 12.78 22.69 -22.84
C PRO A 26 11.29 22.41 -22.65
N THR A 27 10.81 22.74 -21.45
CA THR A 27 9.39 22.79 -21.13
C THR A 27 9.13 24.25 -20.79
N THR A 28 8.61 24.98 -21.78
CA THR A 28 8.43 26.41 -21.64
C THR A 28 7.26 26.70 -20.72
N ASP A 29 7.23 27.90 -20.15
CA ASP A 29 6.09 28.30 -19.32
C ASP A 29 4.78 28.27 -20.13
N LYS A 30 4.84 28.59 -21.43
CA LYS A 30 3.64 28.56 -22.28
C LYS A 30 3.08 27.13 -22.43
N VAL A 31 3.99 26.16 -22.59
CA VAL A 31 3.59 24.75 -22.65
C VAL A 31 3.06 24.28 -21.29
N LYS A 32 3.73 24.68 -20.22
CA LYS A 32 3.25 24.39 -18.88
C LYS A 32 1.81 24.89 -18.68
N GLU A 33 1.56 26.14 -19.07
CA GLU A 33 0.23 26.73 -18.98
C GLU A 33 -0.79 25.93 -19.80
N SER A 34 -0.38 25.58 -21.02
CA SER A 34 -1.26 24.83 -21.92
C SER A 34 -1.64 23.49 -21.30
N ILE A 35 -0.64 22.80 -20.76
CA ILE A 35 -0.86 21.51 -20.09
C ILE A 35 -1.88 21.64 -18.99
N PHE A 36 -1.64 22.57 -18.05
CA PHE A 36 -2.48 22.59 -16.87
C PHE A 36 -3.87 23.15 -17.12
N ASN A 37 -3.98 24.08 -18.06
CA ASN A 37 -5.31 24.53 -18.44
C ASN A 37 -6.14 23.45 -19.15
N ILE A 39 -5.84 20.01 -18.57
CA ILE A 39 -6.19 18.92 -17.64
C ILE A 39 -6.89 19.41 -16.35
N GLY A 40 -6.78 20.71 -16.09
CA GLY A 40 -7.32 21.32 -14.90
C GLY A 40 -8.50 22.19 -15.31
N PRO A 41 -8.38 23.52 -15.16
CA PRO A 41 -7.22 24.28 -14.72
C PRO A 41 -6.85 24.13 -13.24
N TYR A 42 -7.78 23.67 -12.41
CA TYR A 42 -7.59 23.52 -10.96
C TYR A 42 -8.01 22.14 -10.52
N PHE A 43 -7.53 21.73 -9.35
CA PHE A 43 -7.76 20.37 -8.82
C PHE A 43 -8.24 20.43 -7.39
N ASP A 44 -9.15 19.52 -7.04
CA ASP A 44 -9.63 19.43 -5.67
C ASP A 44 -8.81 18.36 -4.98
N GLY A 45 -7.55 18.70 -4.69
CA GLY A 45 -6.65 17.76 -4.03
C GLY A 45 -6.11 16.75 -5.02
N GLY A 46 -5.48 15.70 -4.48
CA GLY A 46 -4.91 14.62 -5.29
C GLY A 46 -3.41 14.57 -5.13
N ALA A 48 0.28 14.04 -7.19
CA ALA A 48 0.93 14.04 -8.49
C ALA A 48 2.28 13.33 -8.37
N LEU A 49 2.69 12.72 -9.48
CA LEU A 49 4.04 12.18 -9.64
C LEU A 49 4.71 12.96 -10.76
N ASP A 50 5.88 13.52 -10.48
CA ASP A 50 6.68 14.18 -11.49
C ASP A 50 7.94 13.31 -11.63
N LEU A 51 7.96 12.42 -12.64
CA LEU A 51 8.91 11.33 -12.66
C LEU A 51 10.32 11.77 -13.07
N TYR A 52 10.41 12.88 -13.80
CA TYR A 52 11.70 13.48 -14.15
C TYR A 52 11.58 14.93 -13.77
N SER A 53 11.64 15.20 -12.46
N SER A 53 11.61 15.20 -12.47
CA SER A 53 11.17 16.49 -11.95
CA SER A 53 11.18 16.49 -11.96
C SER A 53 12.08 17.67 -12.25
C SER A 53 12.08 17.66 -12.37
N GLY A 54 13.39 17.43 -12.35
CA GLY A 54 14.36 18.51 -12.63
C GLY A 54 14.19 19.62 -11.61
N SER A 55 13.93 20.84 -12.10
CA SER A 55 13.78 21.97 -11.19
C SER A 55 12.43 22.01 -10.49
N GLY A 56 11.52 21.13 -10.91
CA GLY A 56 10.27 20.95 -10.17
C GLY A 56 9.11 21.82 -10.63
N GLY A 57 9.25 22.50 -11.76
CA GLY A 57 8.20 23.42 -12.20
C GLY A 57 6.82 22.81 -12.36
N LEU A 58 6.76 21.60 -12.93
CA LEU A 58 5.44 20.97 -13.18
C LEU A 58 4.83 20.48 -11.88
N ALA A 59 5.64 19.88 -11.01
CA ALA A 59 5.17 19.44 -9.69
C ALA A 59 4.59 20.61 -8.91
N ILE A 60 5.30 21.73 -8.96
CA ILE A 60 4.89 22.92 -8.22
C ILE A 60 3.61 23.48 -8.82
N GLU A 61 3.50 23.47 -10.15
CA GLU A 61 2.28 23.96 -10.80
C GLU A 61 1.06 23.15 -10.35
N ALA A 62 1.24 21.84 -10.26
CA ALA A 62 0.15 20.93 -9.85
C ALA A 62 -0.36 21.26 -8.46
N VAL A 63 0.55 21.41 -7.50
CA VAL A 63 0.20 21.74 -6.11
C VAL A 63 -0.37 23.18 -6.03
N SER A 64 0.25 24.11 -6.78
CA SER A 64 -0.26 25.49 -6.84
C SER A 64 -1.76 25.51 -7.21
N ARG A 65 -2.12 24.65 -8.16
CA ARG A 65 -3.46 24.58 -8.72
C ARG A 65 -4.40 23.65 -7.92
N GLY A 66 -3.93 23.17 -6.79
CA GLY A 66 -4.85 22.55 -5.86
C GLY A 66 -4.59 21.12 -5.46
N ASP A 68 -2.84 18.08 -3.50
CA ASP A 68 -2.36 18.00 -2.13
C ASP A 68 -0.85 17.80 -1.99
N LYS A 69 -0.27 17.05 -2.91
CA LYS A 69 1.12 16.61 -2.77
C LYS A 69 1.66 16.22 -4.10
N SER A 70 2.95 16.52 -4.33
N SER A 70 2.95 16.46 -4.30
CA SER A 70 3.66 16.00 -5.49
CA SER A 70 3.65 15.98 -5.47
C SER A 70 4.88 15.21 -4.98
C SER A 70 4.93 15.24 -5.05
N ILE A 71 5.08 14.03 -5.55
CA ILE A 71 6.33 13.27 -5.39
C ILE A 71 7.20 13.55 -6.62
N CYS A 72 8.42 14.03 -6.37
CA CYS A 72 9.32 14.48 -7.43
C CYS A 72 10.53 13.55 -7.45
N ILE A 73 10.74 12.86 -8.58
CA ILE A 73 11.88 11.95 -8.74
C ILE A 73 13.01 12.65 -9.50
N GLU A 74 14.22 12.45 -9.02
CA GLU A 74 15.41 13.11 -9.57
C GLU A 74 16.52 12.11 -9.90
N LYS A 75 17.12 12.30 -11.08
CA LYS A 75 18.24 11.49 -11.56
C LYS A 75 19.61 12.04 -11.11
N ASN A 76 19.74 13.36 -11.08
CA ASN A 76 21.02 14.03 -10.89
C ASN A 76 21.10 14.81 -9.60
N PHE A 77 22.18 14.59 -8.84
CA PHE A 77 22.38 15.28 -7.58
C PHE A 77 22.30 16.79 -7.73
N ALA A 78 22.88 17.32 -8.81
CA ALA A 78 22.91 18.77 -9.01
C ALA A 78 21.52 19.43 -8.99
N ALA A 79 20.49 18.67 -9.36
CA ALA A 79 19.14 19.22 -9.42
C ALA A 79 18.54 19.41 -8.04
N LEU A 80 19.05 18.67 -7.06
CA LEU A 80 18.41 18.67 -5.73
C LEU A 80 18.37 20.05 -5.09
N LYS A 81 19.45 20.82 -5.19
CA LYS A 81 19.45 22.16 -4.56
C LYS A 81 18.50 23.11 -5.25
N VAL A 82 18.33 22.93 -6.57
CA VAL A 82 17.46 23.80 -7.35
C VAL A 82 16.01 23.51 -6.99
N ILE A 83 15.63 22.23 -7.03
CA ILE A 83 14.24 21.92 -6.62
C ILE A 83 13.94 22.30 -5.16
N LYS A 84 14.89 22.11 -4.26
CA LYS A 84 14.72 22.52 -2.87
C LYS A 84 14.42 24.03 -2.75
N GLU A 85 15.20 24.84 -3.48
CA GLU A 85 14.97 26.28 -3.50
C GLU A 85 13.58 26.64 -4.00
N ASN A 86 13.16 25.99 -5.08
CA ASN A 86 11.85 26.23 -5.67
C ASN A 86 10.73 25.78 -4.74
N ILE A 87 10.90 24.63 -4.10
CA ILE A 87 9.93 24.20 -3.08
C ILE A 87 9.83 25.25 -1.96
N ALA A 88 10.97 25.77 -1.53
CA ALA A 88 11.01 26.79 -0.47
C ALA A 88 10.20 28.04 -0.86
N ILE A 89 10.24 28.39 -2.14
CA ILE A 89 9.50 29.53 -2.66
C ILE A 89 7.97 29.34 -2.51
N THR A 90 7.52 28.07 -2.50
CA THR A 90 6.10 27.80 -2.28
C THR A 90 5.69 28.03 -0.82
N LYS A 91 6.69 27.90 0.07
CA LYS A 91 6.50 28.04 1.51
C LYS A 91 5.61 26.92 2.08
N GLU A 92 5.39 25.88 1.29
CA GLU A 92 4.63 24.70 1.72
C GLU A 92 5.43 23.40 1.42
N PRO A 93 6.59 23.23 2.08
CA PRO A 93 7.47 22.09 1.78
C PRO A 93 6.81 20.75 2.07
N GLU A 94 5.85 20.73 3.00
CA GLU A 94 5.18 19.48 3.35
C GLU A 94 4.37 18.90 2.18
N LYS A 95 4.11 19.71 1.16
CA LYS A 95 3.33 19.24 0.00
C LYS A 95 4.20 18.60 -1.08
N PHE A 96 5.49 18.45 -0.81
CA PHE A 96 6.44 17.91 -1.79
C PHE A 96 7.34 16.89 -1.15
N GLU A 97 7.68 15.88 -1.94
CA GLU A 97 8.67 14.89 -1.53
C GLU A 97 9.61 14.78 -2.70
N VAL A 98 10.90 14.94 -2.45
CA VAL A 98 11.90 14.76 -3.49
C VAL A 98 12.70 13.51 -3.19
N ARG A 99 12.79 12.62 -4.18
CA ARG A 99 13.54 11.38 -4.01
C ARG A 99 14.57 11.25 -5.10
N LYS A 100 15.82 11.02 -4.68
CA LYS A 100 16.93 10.81 -5.60
C LYS A 100 17.05 9.32 -5.86
N ASP A 102 16.53 6.15 -9.36
CA ASP A 102 16.14 5.73 -10.71
C ASP A 102 14.62 5.75 -10.88
N ALA A 103 14.16 6.24 -12.03
CA ALA A 103 12.73 6.38 -12.32
C ALA A 103 11.98 5.05 -12.26
N ASN A 104 12.56 4.00 -12.84
CA ASN A 104 11.89 2.70 -12.81
C ASN A 104 11.85 2.10 -11.39
N ARG A 105 12.95 2.23 -10.66
CA ARG A 105 12.97 1.81 -9.27
C ARG A 105 11.91 2.57 -8.45
N ALA A 106 11.72 3.85 -8.78
CA ALA A 106 10.71 4.64 -8.07
C ALA A 106 9.32 4.02 -8.18
N LEU A 107 8.95 3.57 -9.37
CA LEU A 107 7.64 2.97 -9.58
C LEU A 107 7.44 1.74 -8.70
N GLU A 108 8.50 0.93 -8.54
CA GLU A 108 8.35 -0.29 -7.73
C GLU A 108 8.28 0.09 -6.26
N GLN A 109 8.95 1.19 -5.86
CA GLN A 109 8.83 1.64 -4.48
C GLN A 109 7.41 2.14 -4.20
N PHE A 110 6.82 2.83 -5.18
CA PHE A 110 5.46 3.32 -5.01
C PHE A 110 4.50 2.14 -4.81
N TYR A 111 4.76 1.04 -5.51
CA TYR A 111 3.95 -0.17 -5.33
C TYR A 111 4.12 -0.70 -3.90
N GLU A 112 5.37 -0.79 -3.42
CA GLU A 112 5.65 -1.19 -2.04
C GLU A 112 4.89 -0.31 -1.05
N GLU A 113 4.79 0.98 -1.38
CA GLU A 113 4.13 1.97 -0.53
C GLU A 113 2.59 2.03 -0.71
N LYS A 114 2.07 1.22 -1.63
CA LYS A 114 0.62 1.14 -1.85
C LYS A 114 0.07 2.53 -2.21
N LEU A 115 0.81 3.25 -3.06
CA LEU A 115 0.37 4.58 -3.50
C LEU A 115 -0.45 4.55 -4.79
N GLN A 116 -1.32 5.54 -4.95
CA GLN A 116 -1.96 5.80 -6.25
C GLN A 116 -1.89 7.28 -6.58
N PHE A 117 -1.69 7.57 -7.86
CA PHE A 117 -1.53 8.95 -8.31
C PHE A 117 -2.71 9.42 -9.15
N ASP A 118 -3.09 10.68 -8.97
CA ASP A 118 -4.13 11.36 -9.77
C ASP A 118 -3.56 12.05 -11.00
N LEU A 119 -2.25 12.32 -10.99
CA LEU A 119 -1.59 12.99 -12.11
C LEU A 119 -0.20 12.42 -12.23
N VAL A 120 0.19 12.08 -13.45
CA VAL A 120 1.55 11.60 -13.70
C VAL A 120 2.14 12.45 -14.81
N LEU A 121 3.30 13.04 -14.55
CA LEU A 121 3.98 13.91 -15.50
C LEU A 121 5.26 13.22 -15.98
N LEU A 122 5.37 13.01 -17.28
CA LEU A 122 6.47 12.21 -17.85
C LEU A 122 7.18 13.05 -18.89
N ASP A 123 8.33 13.62 -18.52
CA ASP A 123 9.15 14.42 -19.43
C ASP A 123 10.58 13.86 -19.43
N PRO A 124 10.78 12.62 -19.91
CA PRO A 124 12.12 11.99 -19.91
C PRO A 124 13.10 12.65 -20.89
N PRO A 125 14.42 12.49 -20.64
CA PRO A 125 15.38 12.92 -21.66
C PRO A 125 15.12 12.12 -22.93
N TYR A 126 15.38 12.70 -24.09
CA TYR A 126 15.06 12.03 -25.36
C TYR A 126 15.58 10.59 -25.44
N ALA A 127 16.82 10.38 -25.01
CA ALA A 127 17.48 9.09 -25.16
C ALA A 127 17.13 8.08 -24.05
N LYS A 128 16.36 8.54 -23.08
CA LYS A 128 15.95 7.70 -21.93
C LYS A 128 14.43 7.54 -21.85
N GLN A 129 13.77 7.72 -22.98
CA GLN A 129 12.31 7.71 -23.04
C GLN A 129 11.76 6.28 -23.04
N GLU A 130 11.03 5.93 -21.98
CA GLU A 130 10.43 4.60 -21.88
C GLU A 130 9.00 4.71 -21.41
N ILE A 131 8.27 5.68 -21.97
CA ILE A 131 6.94 6.00 -21.50
C ILE A 131 6.00 4.80 -21.53
N VAL A 132 6.00 4.05 -22.63
CA VAL A 132 5.06 2.94 -22.76
C VAL A 132 5.32 1.85 -21.70
N SER A 133 6.59 1.48 -21.52
CA SER A 133 6.99 0.49 -20.51
C SER A 133 6.60 0.96 -19.12
N GLN A 134 6.86 2.23 -18.84
CA GLN A 134 6.54 2.79 -17.52
C GLN A 134 5.05 2.82 -17.25
N LEU A 135 4.27 3.18 -18.25
CA LEU A 135 2.82 3.21 -18.05
C LEU A 135 2.28 1.80 -17.88
N GLU A 136 2.85 0.84 -18.60
N GLU A 136 2.85 0.84 -18.60
CA GLU A 136 2.46 -0.57 -18.40
CA GLU A 136 2.49 -0.57 -18.40
C GLU A 136 2.78 -1.00 -16.97
C GLU A 136 2.77 -0.99 -16.97
N LYS A 137 3.92 -0.56 -16.44
CA LYS A 137 4.28 -0.84 -15.04
C LYS A 137 3.28 -0.20 -14.06
N LEU A 139 0.18 0.47 -14.62
CA LEU A 139 -1.06 -0.31 -14.67
C LEU A 139 -0.90 -1.64 -13.93
N GLU A 140 0.23 -2.30 -14.16
CA GLU A 140 0.50 -3.60 -13.52
C GLU A 140 0.42 -3.49 -12.00
N ARG A 141 1.01 -2.41 -11.46
CA ARG A 141 1.11 -2.22 -10.02
C ARG A 141 -0.02 -1.38 -9.44
N GLN A 142 -1.01 -1.05 -10.28
CA GLN A 142 -2.20 -0.31 -9.85
C GLN A 142 -1.84 1.01 -9.16
N LEU A 143 -0.97 1.77 -9.82
CA LEU A 143 -0.47 3.02 -9.26
C LEU A 143 -1.30 4.23 -9.67
N LEU A 144 -2.47 4.00 -10.27
CA LEU A 144 -3.29 5.11 -10.79
C LEU A 144 -4.67 5.14 -10.17
N THR A 145 -5.12 6.34 -9.78
CA THR A 145 -6.48 6.49 -9.27
C THR A 145 -7.46 6.35 -10.43
N ASN A 146 -8.73 6.14 -10.10
N ASN A 146 -8.72 6.09 -10.07
CA ASN A 146 -9.75 5.93 -11.13
CA ASN A 146 -9.83 6.02 -11.01
C ASN A 146 -9.83 7.02 -12.21
C ASN A 146 -9.74 6.99 -12.17
N GLU A 147 -9.58 8.27 -11.83
CA GLU A 147 -9.63 9.37 -12.78
C GLU A 147 -8.27 9.99 -13.01
N ALA A 148 -7.23 9.18 -12.86
CA ALA A 148 -5.87 9.64 -13.12
C ALA A 148 -5.75 10.19 -14.55
N VAL A 149 -4.87 11.19 -14.69
CA VAL A 149 -4.49 11.65 -16.01
C VAL A 149 -2.96 11.61 -16.13
N ILE A 150 -2.48 11.18 -17.31
CA ILE A 150 -1.04 11.13 -17.63
C ILE A 150 -0.75 12.21 -18.63
N VAL A 151 0.28 13.01 -18.36
CA VAL A 151 0.75 14.02 -19.29
C VAL A 151 2.18 13.64 -19.70
N CYS A 152 2.39 13.38 -21.00
CA CYS A 152 3.71 13.08 -21.56
C CYS A 152 4.21 14.24 -22.39
N GLU A 153 5.49 14.54 -22.24
CA GLU A 153 6.18 15.51 -23.07
C GLU A 153 7.32 14.79 -23.80
N THR A 154 7.31 14.89 -25.13
CA THR A 154 8.30 14.20 -25.95
C THR A 154 8.70 15.12 -27.10
N ASP A 155 9.77 14.76 -27.80
CA ASP A 155 10.09 15.42 -29.05
C ASP A 155 8.96 15.14 -30.04
N LYS A 156 8.71 16.11 -30.92
CA LYS A 156 7.63 15.99 -31.90
C LYS A 156 7.74 14.75 -32.82
N THR A 157 8.94 14.17 -32.90
CA THR A 157 9.18 12.96 -33.72
C THR A 157 8.75 11.63 -33.05
N VAL A 158 8.46 11.65 -31.75
CA VAL A 158 8.09 10.43 -31.04
C VAL A 158 6.67 10.00 -31.40
N LYS A 159 6.48 8.70 -31.68
CA LYS A 159 5.16 8.16 -32.01
C LYS A 159 4.58 7.36 -30.87
N LEU A 160 3.84 8.01 -29.97
CA LEU A 160 3.22 7.28 -28.85
C LEU A 160 1.93 6.61 -29.29
N PRO A 161 1.66 5.40 -28.78
CA PRO A 161 0.51 4.63 -29.24
C PRO A 161 -0.83 5.17 -28.74
N GLU A 162 -1.90 4.83 -29.45
CA GLU A 162 -3.25 5.25 -29.09
C GLU A 162 -3.74 4.59 -27.81
N THR A 163 -3.25 3.39 -27.57
CA THR A 163 -3.69 2.53 -26.49
C THR A 163 -2.47 2.01 -25.74
N ILE A 164 -2.49 2.14 -24.42
CA ILE A 164 -1.51 1.45 -23.58
C ILE A 164 -2.31 0.73 -22.51
N GLY A 165 -2.41 -0.58 -22.64
CA GLY A 165 -3.25 -1.36 -21.73
C GLY A 165 -4.64 -0.76 -21.70
N THR A 166 -5.09 -0.40 -20.51
CA THR A 166 -6.41 0.21 -20.35
C THR A 166 -6.42 1.73 -20.55
N LEU A 167 -5.25 2.31 -20.79
CA LEU A 167 -5.16 3.75 -21.05
C LEU A 167 -5.41 4.05 -22.51
N LYS A 168 -6.10 5.16 -22.75
CA LYS A 168 -6.35 5.64 -24.11
C LYS A 168 -5.84 7.07 -24.27
N LYS A 169 -5.20 7.35 -25.42
CA LYS A 169 -4.80 8.70 -25.73
C LYS A 169 -6.03 9.57 -25.96
N THR A 170 -6.13 10.65 -25.18
CA THR A 170 -7.29 11.53 -25.26
C THR A 170 -7.01 12.83 -26.00
N ARG A 171 -5.75 13.24 -26.05
CA ARG A 171 -5.35 14.50 -26.67
C ARG A 171 -3.88 14.44 -27.02
N GLU A 172 -3.50 15.11 -28.09
CA GLU A 172 -2.10 15.21 -28.49
C GLU A 172 -1.91 16.50 -29.27
N THR A 173 -1.02 17.36 -28.78
CA THR A 173 -0.84 18.69 -29.35
C THR A 173 0.65 18.98 -29.43
N VAL A 174 1.06 19.60 -30.53
CA VAL A 174 2.46 19.97 -30.73
C VAL A 174 2.58 21.47 -30.57
N TYR A 175 3.56 21.87 -29.75
CA TYR A 175 3.87 23.26 -29.50
C TYR A 175 5.34 23.44 -29.88
N GLY A 176 5.58 23.94 -31.08
CA GLY A 176 6.94 24.01 -31.61
C GLY A 176 7.48 22.59 -31.79
N ILE A 177 8.54 22.26 -31.08
CA ILE A 177 9.08 20.91 -31.15
C ILE A 177 8.67 20.03 -29.96
N THR A 178 7.84 20.56 -29.05
CA THR A 178 7.39 19.79 -27.89
C THR A 178 6.00 19.19 -28.11
N GLN A 179 5.91 17.87 -28.00
CA GLN A 179 4.66 17.18 -28.17
C GLN A 179 4.09 16.86 -26.78
N VAL A 180 2.84 17.22 -26.56
CA VAL A 180 2.16 16.93 -25.30
C VAL A 180 1.09 15.90 -25.58
N THR A 181 1.17 14.77 -24.89
CA THR A 181 0.24 13.65 -25.09
C THR A 181 -0.47 13.32 -23.79
N ILE A 182 -1.80 13.23 -23.85
CA ILE A 182 -2.59 12.96 -22.66
C ILE A 182 -3.21 11.57 -22.73
N TYR A 183 -3.09 10.80 -21.65
CA TYR A 183 -3.79 9.51 -21.50
C TYR A 183 -4.70 9.51 -20.29
N ARG A 184 -5.84 8.82 -20.45
CA ARG A 184 -6.80 8.57 -19.38
C ARG A 184 -7.33 7.12 -19.49
N GLN A 185 -7.81 6.55 -18.38
CA GLN A 185 -8.32 5.16 -18.37
C GLN A 185 -9.70 5.04 -19.01
N ALA B 3 -11.89 -24.27 31.77
CA ALA B 3 -11.10 -23.07 32.13
C ALA B 3 -9.75 -23.03 31.36
N ARG B 5 -6.16 -21.62 29.63
CA ARG B 5 -4.95 -20.95 30.09
C ARG B 5 -4.06 -20.60 28.92
N VAL B 6 -3.21 -19.61 29.11
CA VAL B 6 -2.11 -19.37 28.18
C VAL B 6 -1.13 -20.54 28.34
N ILE B 7 -0.69 -21.11 27.22
CA ILE B 7 0.14 -22.32 27.29
C ILE B 7 1.60 -22.01 27.61
N SER B 8 2.21 -21.13 26.82
CA SER B 8 3.63 -20.89 26.93
C SER B 8 3.98 -19.44 26.69
N GLY B 9 5.23 -19.10 26.93
CA GLY B 9 5.70 -17.73 26.75
C GLY B 9 5.53 -16.89 27.99
N GLU B 10 5.60 -15.57 27.82
CA GLU B 10 5.63 -14.64 28.95
C GLU B 10 4.41 -14.78 29.88
N TYR B 11 3.25 -15.06 29.28
CA TYR B 11 2.01 -15.12 30.08
C TYR B 11 1.62 -16.55 30.38
N GLY B 12 2.54 -17.49 30.15
CA GLY B 12 2.23 -18.91 30.31
C GLY B 12 1.66 -19.24 31.67
N GLY B 13 0.61 -20.05 31.68
CA GLY B 13 -0.04 -20.50 32.93
C GLY B 13 -1.18 -19.62 33.42
N ARG B 14 -1.28 -18.41 32.87
CA ARG B 14 -2.33 -17.47 33.31
C ARG B 14 -3.71 -17.89 32.78
N ARG B 15 -4.70 -17.76 33.66
CA ARG B 15 -6.07 -18.17 33.34
C ARG B 15 -6.79 -17.16 32.46
N LEU B 16 -7.57 -17.68 31.53
CA LEU B 16 -8.33 -16.86 30.58
C LEU B 16 -9.80 -17.09 30.79
N LYS B 17 -10.60 -16.05 30.56
N LYS B 17 -10.61 -16.06 30.53
CA LYS B 17 -12.06 -16.14 30.63
CA LYS B 17 -12.04 -16.21 30.64
C LYS B 17 -12.66 -16.54 29.29
C LYS B 17 -12.65 -16.54 29.29
N ALA B 18 -13.72 -17.32 29.34
CA ALA B 18 -14.42 -17.76 28.15
C ALA B 18 -15.56 -16.79 27.82
N LEU B 19 -16.05 -16.88 26.59
CA LEU B 19 -17.20 -16.09 26.17
C LEU B 19 -18.46 -16.48 26.96
N ASP B 20 -19.42 -15.55 27.04
CA ASP B 20 -20.66 -15.72 27.82
C ASP B 20 -21.41 -17.03 27.56
N GLY B 21 -21.43 -17.48 26.32
CA GLY B 21 -22.11 -18.72 25.94
C GLY B 21 -21.09 -19.75 25.46
N THR B 28 -9.66 -25.79 21.85
CA THR B 28 -9.18 -26.31 23.14
C THR B 28 -7.71 -25.95 23.37
N ASP B 29 -7.28 -26.07 24.63
CA ASP B 29 -5.92 -25.72 25.01
C ASP B 29 -4.89 -26.66 24.40
N LYS B 30 -5.26 -27.93 24.26
CA LYS B 30 -4.34 -28.89 23.66
C LYS B 30 -4.14 -28.61 22.17
N VAL B 31 -5.21 -28.22 21.47
CA VAL B 31 -5.12 -27.78 20.06
C VAL B 31 -4.30 -26.50 19.93
N LYS B 32 -4.54 -25.55 20.83
CA LYS B 32 -3.77 -24.30 20.85
C LYS B 32 -2.28 -24.60 21.03
N GLU B 33 -1.96 -25.48 21.97
CA GLU B 33 -0.57 -25.86 22.22
C GLU B 33 0.03 -26.50 20.96
N SER B 34 -0.75 -27.36 20.32
CA SER B 34 -0.31 -28.05 19.12
C SER B 34 -0.04 -27.09 17.97
N ILE B 35 -0.98 -26.17 17.73
CA ILE B 35 -0.79 -25.14 16.73
C ILE B 35 0.54 -24.40 16.98
N PHE B 36 0.74 -23.89 18.19
CA PHE B 36 1.87 -22.98 18.38
C PHE B 36 3.22 -23.66 18.40
N ASN B 37 3.25 -24.88 18.89
CA ASN B 37 4.48 -25.66 18.82
C ASN B 37 4.87 -26.01 17.39
N ILE B 39 4.20 -24.03 14.59
CA ILE B 39 4.62 -22.83 13.84
C ILE B 39 5.70 -22.00 14.52
N GLY B 40 5.90 -22.21 15.80
CA GLY B 40 6.92 -21.47 16.53
C GLY B 40 8.02 -22.44 16.90
N PRO B 41 8.12 -22.81 18.19
CA PRO B 41 7.25 -22.44 19.33
C PRO B 41 7.31 -20.99 19.80
N TYR B 42 8.35 -20.26 19.42
CA TYR B 42 8.48 -18.86 19.81
C TYR B 42 8.75 -18.00 18.57
N PHE B 43 8.53 -16.70 18.70
CA PHE B 43 8.63 -15.76 17.58
C PHE B 43 9.54 -14.60 17.93
N ASP B 44 10.29 -14.12 16.93
CA ASP B 44 11.14 -12.96 17.13
C ASP B 44 10.37 -11.69 16.72
N GLY B 45 9.39 -11.31 17.53
CA GLY B 45 8.52 -10.18 17.18
C GLY B 45 7.57 -10.52 16.03
N GLY B 46 6.98 -9.46 15.46
CA GLY B 46 6.07 -9.59 14.32
C GLY B 46 4.67 -9.16 14.71
N ALA B 48 0.54 -10.09 14.45
CA ALA B 48 -0.42 -11.17 14.22
C ALA B 48 -1.81 -10.61 13.99
N LEU B 49 -2.58 -11.32 13.17
CA LEU B 49 -4.00 -11.00 12.95
C LEU B 49 -4.81 -12.17 13.44
N ASP B 50 -5.74 -11.91 14.35
CA ASP B 50 -6.65 -12.96 14.84
C ASP B 50 -8.02 -12.51 14.31
N LEU B 51 -8.44 -13.06 13.17
CA LEU B 51 -9.54 -12.47 12.41
C LEU B 51 -10.92 -12.77 13.01
N TYR B 52 -11.01 -13.84 13.79
CA TYR B 52 -12.23 -14.20 14.52
C TYR B 52 -11.82 -14.46 15.96
N SER B 53 -11.50 -13.37 16.66
N SER B 53 -11.49 -13.39 16.66
CA SER B 53 -10.74 -13.49 17.88
CA SER B 53 -10.71 -13.52 17.89
C SER B 53 -11.47 -14.20 19.03
C SER B 53 -11.44 -14.09 19.12
N GLY B 54 -12.76 -13.88 19.19
CA GLY B 54 -13.57 -14.45 20.30
C GLY B 54 -13.03 -14.00 21.64
N SER B 55 -12.63 -14.96 22.46
CA SER B 55 -12.04 -14.65 23.78
C SER B 55 -10.60 -14.10 23.70
N GLY B 56 -9.98 -14.16 22.52
CA GLY B 56 -8.60 -13.66 22.33
C GLY B 56 -7.48 -14.64 22.65
N GLY B 57 -7.81 -15.88 22.99
CA GLY B 57 -6.82 -16.89 23.37
C GLY B 57 -5.67 -17.02 22.37
N LEU B 58 -6.01 -17.09 21.08
CA LEU B 58 -4.96 -17.28 20.07
C LEU B 58 -4.05 -16.06 19.94
N ALA B 59 -4.66 -14.87 19.90
CA ALA B 59 -3.89 -13.61 19.81
C ALA B 59 -2.93 -13.50 21.00
N ILE B 60 -3.46 -13.82 22.18
CA ILE B 60 -2.66 -13.72 23.42
C ILE B 60 -1.53 -14.74 23.42
N GLU B 61 -1.81 -15.96 22.95
CA GLU B 61 -0.74 -16.96 22.83
C GLU B 61 0.38 -16.47 21.93
N ALA B 62 0.02 -15.78 20.84
CA ALA B 62 1.03 -15.37 19.86
C ALA B 62 1.94 -14.32 20.46
N VAL B 63 1.36 -13.34 21.14
CA VAL B 63 2.16 -12.27 21.80
C VAL B 63 2.96 -12.87 22.96
N SER B 64 2.34 -13.76 23.73
CA SER B 64 3.04 -14.44 24.82
C SER B 64 4.34 -15.10 24.33
N ARG B 65 4.26 -15.68 23.14
CA ARG B 65 5.38 -16.44 22.57
C ARG B 65 6.34 -15.55 21.76
N GLY B 66 6.12 -14.24 21.79
CA GLY B 66 7.12 -13.29 21.31
C GLY B 66 6.72 -12.33 20.22
N ASP B 68 5.12 -9.06 18.55
CA ASP B 68 5.06 -7.73 19.11
C ASP B 68 3.65 -7.22 19.37
N LYS B 69 2.73 -7.63 18.51
CA LYS B 69 1.38 -7.08 18.54
C LYS B 69 0.40 -8.03 17.88
N SER B 70 -0.81 -8.09 18.41
N SER B 70 -0.80 -8.11 18.43
CA SER B 70 -1.93 -8.81 17.77
CA SER B 70 -1.89 -8.74 17.71
C SER B 70 -3.13 -7.91 17.56
C SER B 70 -3.00 -7.74 17.49
N ILE B 71 -3.62 -7.85 16.33
CA ILE B 71 -4.88 -7.16 16.02
C ILE B 71 -5.99 -8.21 16.08
N CYS B 72 -6.98 -7.96 16.91
CA CYS B 72 -8.07 -8.88 17.20
C CYS B 72 -9.34 -8.32 16.58
N ILE B 73 -9.96 -9.07 15.68
CA ILE B 73 -11.23 -8.63 15.06
C ILE B 73 -12.42 -9.39 15.69
N GLU B 74 -13.42 -8.64 16.12
CA GLU B 74 -14.57 -9.23 16.78
C GLU B 74 -15.90 -8.84 16.13
N LYS B 75 -16.79 -9.83 16.00
CA LYS B 75 -18.10 -9.67 15.38
C LYS B 75 -19.15 -9.30 16.41
N ASN B 76 -18.93 -9.66 17.67
CA ASN B 76 -19.98 -9.57 18.70
C ASN B 76 -19.65 -8.66 19.88
N PHE B 77 -20.53 -7.71 20.17
CA PHE B 77 -20.30 -6.80 21.27
C PHE B 77 -20.02 -7.54 22.59
N ALA B 78 -20.76 -8.62 22.84
CA ALA B 78 -20.63 -9.37 24.10
C ALA B 78 -19.23 -9.94 24.34
N ALA B 79 -18.49 -10.16 23.26
CA ALA B 79 -17.13 -10.67 23.38
C ALA B 79 -16.12 -9.60 23.81
N LEU B 80 -16.43 -8.33 23.59
CA LEU B 80 -15.46 -7.25 23.85
C LEU B 80 -14.99 -7.20 25.30
N LYS B 81 -15.92 -7.33 26.25
CA LYS B 81 -15.56 -7.33 27.67
C LYS B 81 -14.67 -8.52 28.04
N VAL B 82 -14.87 -9.64 27.35
CA VAL B 82 -14.12 -10.87 27.63
C VAL B 82 -12.69 -10.74 27.13
N ILE B 83 -12.53 -10.36 25.86
CA ILE B 83 -11.19 -10.20 25.32
C ILE B 83 -10.46 -9.11 26.09
N LYS B 84 -11.19 -8.07 26.49
CA LYS B 84 -10.54 -6.98 27.27
C LYS B 84 -9.99 -7.51 28.62
N GLU B 85 -10.76 -8.35 29.29
CA GLU B 85 -10.30 -8.90 30.57
C GLU B 85 -9.07 -9.80 30.36
N ASN B 86 -9.10 -10.59 29.29
CA ASN B 86 -7.99 -11.49 28.97
C ASN B 86 -6.75 -10.73 28.56
N ILE B 87 -6.92 -9.65 27.80
CA ILE B 87 -5.79 -8.75 27.52
C ILE B 87 -5.24 -8.16 28.80
N ALA B 88 -6.14 -7.76 29.70
CA ALA B 88 -5.70 -7.20 30.98
C ALA B 88 -4.82 -8.17 31.76
N ILE B 89 -5.09 -9.47 31.67
CA ILE B 89 -4.28 -10.41 32.45
C ILE B 89 -2.85 -10.52 31.94
N THR B 90 -2.62 -10.12 30.69
CA THR B 90 -1.25 -10.08 30.17
C THR B 90 -0.47 -8.93 30.77
N LYS B 91 -1.20 -7.88 31.20
CA LYS B 91 -0.59 -6.67 31.77
C LYS B 91 0.25 -5.89 30.75
N GLU B 92 0.07 -6.22 29.47
CA GLU B 92 0.71 -5.50 28.36
C GLU B 92 -0.33 -5.14 27.29
N PRO B 93 -1.33 -4.32 27.67
CA PRO B 93 -2.43 -4.01 26.77
C PRO B 93 -1.99 -3.30 25.49
N GLU B 94 -0.85 -2.63 25.53
CA GLU B 94 -0.32 -1.94 24.36
C GLU B 94 0.05 -2.88 23.20
N LYS B 95 0.10 -4.19 23.49
CA LYS B 95 0.50 -5.18 22.48
C LYS B 95 -0.71 -5.76 21.75
N PHE B 96 -1.89 -5.18 22.00
CA PHE B 96 -3.13 -5.69 21.44
C PHE B 96 -4.00 -4.55 20.98
N GLU B 97 -4.73 -4.79 19.89
CA GLU B 97 -5.74 -3.86 19.42
C GLU B 97 -6.97 -4.69 19.14
N VAL B 98 -8.13 -4.27 19.65
CA VAL B 98 -9.38 -4.99 19.39
C VAL B 98 -10.29 -4.09 18.56
N ARG B 99 -10.77 -4.59 17.43
CA ARG B 99 -11.67 -3.83 16.56
C ARG B 99 -12.96 -4.59 16.37
N LYS B 100 -14.08 -3.92 16.66
N LYS B 100 -14.08 -3.91 16.62
CA LYS B 100 -15.41 -4.44 16.42
CA LYS B 100 -15.41 -4.49 16.44
C LYS B 100 -15.78 -4.10 14.99
C LYS B 100 -15.89 -4.15 15.03
N ASP B 102 -16.81 -6.25 10.86
CA ASP B 102 -16.85 -7.38 9.92
C ASP B 102 -15.42 -7.77 9.51
N ALA B 103 -15.17 -9.07 9.47
CA ALA B 103 -13.87 -9.61 9.09
C ALA B 103 -13.39 -9.13 7.71
N ASN B 104 -14.29 -9.14 6.72
CA ASN B 104 -13.89 -8.75 5.38
C ASN B 104 -13.61 -7.25 5.26
N ARG B 105 -14.40 -6.42 5.97
CA ARG B 105 -14.13 -4.98 6.03
C ARG B 105 -12.79 -4.74 6.74
N ALA B 106 -12.45 -5.60 7.70
CA ALA B 106 -11.17 -5.43 8.40
C ALA B 106 -10.02 -5.50 7.41
N LEU B 107 -10.10 -6.46 6.48
CA LEU B 107 -9.04 -6.63 5.50
C LEU B 107 -8.91 -5.41 4.60
N GLU B 108 -10.04 -4.78 4.28
CA GLU B 108 -10.03 -3.52 3.52
C GLU B 108 -9.34 -2.40 4.28
N GLN B 109 -9.67 -2.26 5.56
CA GLN B 109 -9.08 -1.21 6.37
C GLN B 109 -7.58 -1.41 6.52
N PHE B 110 -7.13 -2.66 6.67
CA PHE B 110 -5.70 -2.93 6.79
C PHE B 110 -4.94 -2.42 5.57
N TYR B 111 -5.55 -2.51 4.39
CA TYR B 111 -4.89 -2.04 3.18
C TYR B 111 -4.64 -0.53 3.28
N GLU B 112 -5.69 0.21 3.67
CA GLU B 112 -5.60 1.67 3.88
C GLU B 112 -4.48 2.04 4.84
N GLU B 113 -4.33 1.24 5.89
CA GLU B 113 -3.33 1.50 6.96
C GLU B 113 -1.93 1.01 6.62
N LYS B 114 -1.81 0.29 5.50
CA LYS B 114 -0.52 -0.24 5.00
C LYS B 114 0.11 -1.28 5.93
N LEU B 115 -0.76 -2.07 6.56
CA LEU B 115 -0.30 -3.11 7.47
C LEU B 115 0.08 -4.36 6.72
N GLN B 116 1.05 -5.09 7.27
CA GLN B 116 1.37 -6.44 6.81
C GLN B 116 1.51 -7.33 8.03
N PHE B 117 1.08 -8.58 7.90
CA PHE B 117 1.05 -9.51 9.01
C PHE B 117 2.01 -10.65 8.83
N ASP B 118 2.63 -11.05 9.94
CA ASP B 118 3.53 -12.20 10.01
C ASP B 118 2.81 -13.49 10.38
N LEU B 119 1.69 -13.37 11.08
CA LEU B 119 0.89 -14.52 11.46
C LEU B 119 -0.58 -14.14 11.26
N VAL B 120 -1.33 -15.04 10.63
CA VAL B 120 -2.77 -14.83 10.45
C VAL B 120 -3.45 -16.06 11.00
N LEU B 121 -4.35 -15.85 11.95
CA LEU B 121 -5.12 -16.92 12.62
C LEU B 121 -6.56 -16.87 12.15
N LEU B 122 -7.02 -17.95 11.52
CA LEU B 122 -8.33 -18.01 10.89
C LEU B 122 -9.15 -19.16 11.46
N ASP B 123 -10.08 -18.82 12.34
CA ASP B 123 -10.96 -19.79 13.02
C ASP B 123 -12.42 -19.35 12.89
N PRO B 124 -12.92 -19.26 11.64
CA PRO B 124 -14.29 -18.79 11.42
C PRO B 124 -15.35 -19.78 11.85
N PRO B 125 -16.55 -19.29 12.18
CA PRO B 125 -17.67 -20.22 12.33
C PRO B 125 -17.85 -21.01 11.03
N TYR B 126 -18.24 -22.28 11.16
CA TYR B 126 -18.42 -23.16 10.01
C TYR B 126 -19.22 -22.47 8.88
N ALA B 127 -20.34 -21.87 9.24
CA ALA B 127 -21.23 -21.22 8.25
C ALA B 127 -20.71 -19.90 7.69
N LYS B 128 -19.59 -19.42 8.21
CA LYS B 128 -19.01 -18.16 7.77
C LYS B 128 -17.58 -18.32 7.23
N GLN B 129 -17.20 -19.57 6.99
CA GLN B 129 -15.84 -19.91 6.57
C GLN B 129 -15.61 -19.60 5.09
N GLU B 130 -14.67 -18.68 4.84
CA GLU B 130 -14.34 -18.26 3.48
C GLU B 130 -12.82 -18.06 3.37
N ILE B 131 -12.09 -19.03 3.91
CA ILE B 131 -10.63 -18.95 4.06
C ILE B 131 -9.88 -18.75 2.75
N VAL B 132 -10.20 -19.55 1.73
CA VAL B 132 -9.50 -19.40 0.44
C VAL B 132 -9.71 -18.01 -0.17
N SER B 133 -10.95 -17.54 -0.17
CA SER B 133 -11.25 -16.22 -0.72
C SER B 133 -10.50 -15.13 0.06
N GLN B 134 -10.47 -15.25 1.38
CA GLN B 134 -9.78 -14.26 2.20
C GLN B 134 -8.28 -14.25 1.96
N LEU B 135 -7.69 -15.43 1.84
CA LEU B 135 -6.25 -15.52 1.65
C LEU B 135 -5.86 -15.01 0.26
N GLU B 136 -6.69 -15.29 -0.74
CA GLU B 136 -6.48 -14.70 -2.07
C GLU B 136 -6.50 -13.17 -1.99
N LYS B 137 -7.42 -12.62 -1.22
CA LYS B 137 -7.48 -11.15 -1.06
C LYS B 137 -6.27 -10.62 -0.31
N LEU B 139 -3.30 -11.84 -0.30
CA LEU B 139 -2.17 -11.86 -1.23
C LEU B 139 -2.26 -10.71 -2.22
N GLU B 140 -3.42 -10.53 -2.83
N GLU B 140 -3.45 -10.54 -2.81
CA GLU B 140 -3.56 -9.49 -3.84
CA GLU B 140 -3.78 -9.50 -3.81
C GLU B 140 -3.31 -8.09 -3.23
C GLU B 140 -3.53 -8.08 -3.30
N ARG B 141 -3.81 -7.90 -2.01
CA ARG B 141 -3.69 -6.60 -1.32
C ARG B 141 -2.35 -6.40 -0.61
N GLN B 142 -1.41 -7.34 -0.77
N GLN B 142 -1.44 -7.36 -0.78
CA GLN B 142 -0.08 -7.23 -0.19
CA GLN B 142 -0.10 -7.32 -0.19
C GLN B 142 -0.11 -7.15 1.35
C GLN B 142 -0.15 -7.13 1.33
N LEU B 143 -1.00 -7.92 1.99
CA LEU B 143 -1.17 -7.84 3.45
C LEU B 143 -0.33 -8.82 4.25
N LEU B 144 0.47 -9.61 3.55
CA LEU B 144 1.29 -10.64 4.21
C LEU B 144 2.79 -10.37 4.05
N THR B 145 3.54 -10.46 5.15
CA THR B 145 4.99 -10.32 5.06
C THR B 145 5.57 -11.53 4.33
N ASN B 146 6.82 -11.42 3.89
CA ASN B 146 7.47 -12.49 3.14
C ASN B 146 7.60 -13.79 3.90
N GLU B 147 7.63 -13.73 5.22
CA GLU B 147 7.74 -14.99 5.96
C GLU B 147 6.43 -15.37 6.65
N ALA B 148 5.32 -14.77 6.21
CA ALA B 148 4.03 -15.00 6.88
C ALA B 148 3.64 -16.47 6.99
N VAL B 149 3.02 -16.79 8.13
CA VAL B 149 2.42 -18.08 8.37
C VAL B 149 0.92 -17.92 8.62
N ILE B 150 0.12 -18.83 8.08
CA ILE B 150 -1.34 -18.79 8.24
C ILE B 150 -1.71 -20.03 8.99
N VAL B 151 -2.54 -19.88 10.01
CA VAL B 151 -3.12 -21.01 10.75
C VAL B 151 -4.61 -21.01 10.46
N CYS B 152 -5.10 -22.13 9.92
CA CYS B 152 -6.52 -22.30 9.62
C CYS B 152 -7.13 -23.36 10.53
N GLU B 153 -8.31 -23.09 11.07
CA GLU B 153 -9.01 -24.11 11.84
C GLU B 153 -10.36 -24.32 11.19
N THR B 154 -10.62 -25.55 10.77
CA THR B 154 -11.83 -25.85 10.02
C THR B 154 -12.44 -27.16 10.48
N ASP B 155 -13.68 -27.38 10.06
CA ASP B 155 -14.31 -28.67 10.20
C ASP B 155 -13.53 -29.68 9.34
N LYS B 156 -13.53 -30.95 9.75
CA LYS B 156 -12.81 -31.99 9.00
C LYS B 156 -13.30 -32.17 7.55
N THR B 157 -14.53 -31.74 7.25
CA THR B 157 -15.07 -31.88 5.90
C THR B 157 -14.54 -30.85 4.88
N VAL B 158 -13.86 -29.81 5.36
CA VAL B 158 -13.35 -28.75 4.49
C VAL B 158 -12.04 -29.24 3.86
N LYS B 159 -11.96 -29.18 2.53
CA LYS B 159 -10.78 -29.61 1.81
C LYS B 159 -10.02 -28.38 1.32
N LEU B 160 -9.06 -27.92 2.11
CA LEU B 160 -8.29 -26.74 1.75
C LEU B 160 -7.22 -27.11 0.72
N PRO B 161 -6.99 -26.22 -0.28
CA PRO B 161 -6.11 -26.60 -1.38
C PRO B 161 -4.63 -26.59 -1.00
N GLU B 162 -3.83 -27.32 -1.78
CA GLU B 162 -2.40 -27.40 -1.50
C GLU B 162 -1.67 -26.06 -1.67
N THR B 163 -2.19 -25.22 -2.56
N THR B 163 -2.11 -25.26 -2.64
CA THR B 163 -1.57 -23.95 -2.90
CA THR B 163 -1.59 -23.91 -2.78
C THR B 163 -2.65 -22.87 -3.10
C THR B 163 -2.73 -22.92 -2.89
N ILE B 164 -2.42 -21.69 -2.51
CA ILE B 164 -3.27 -20.53 -2.73
C ILE B 164 -2.26 -19.47 -3.15
N GLY B 165 -2.14 -19.22 -4.45
CA GLY B 165 -1.10 -18.33 -4.95
C GLY B 165 0.27 -18.70 -4.43
N THR B 166 0.96 -17.74 -3.83
CA THR B 166 2.30 -17.96 -3.27
C THR B 166 2.29 -18.66 -1.90
N LEU B 167 1.11 -18.93 -1.36
CA LEU B 167 0.99 -19.68 -0.11
C LEU B 167 0.99 -21.17 -0.36
N LYS B 168 1.85 -21.88 0.38
CA LYS B 168 1.94 -23.33 0.23
C LYS B 168 1.54 -24.03 1.51
N LYS B 169 0.71 -25.08 1.40
CA LYS B 169 0.33 -25.85 2.57
C LYS B 169 1.53 -26.64 3.04
N THR B 170 1.90 -26.44 4.30
CA THR B 170 3.09 -27.07 4.88
C THR B 170 2.78 -28.14 5.94
N ARG B 171 1.62 -28.01 6.59
CA ARG B 171 1.16 -28.98 7.59
C ARG B 171 -0.36 -29.06 7.57
N GLU B 172 -0.88 -30.25 7.85
CA GLU B 172 -2.32 -30.43 8.06
C GLU B 172 -2.55 -31.61 8.98
N THR B 173 -3.18 -31.34 10.11
CA THR B 173 -3.39 -32.36 11.13
C THR B 173 -4.77 -32.19 11.73
N VAL B 174 -5.35 -33.32 12.11
CA VAL B 174 -6.66 -33.31 12.73
C VAL B 174 -6.50 -33.61 14.20
N TYR B 175 -7.17 -32.81 15.01
CA TYR B 175 -7.22 -33.06 16.45
C TYR B 175 -8.69 -33.22 16.83
N GLY B 176 -9.07 -34.48 17.11
CA GLY B 176 -10.46 -34.83 17.31
C GLY B 176 -11.31 -34.43 16.11
N ILE B 177 -11.95 -33.27 16.23
CA ILE B 177 -12.86 -32.77 15.20
C ILE B 177 -12.33 -31.50 14.51
N THR B 178 -11.27 -30.91 15.05
CA THR B 178 -10.69 -29.69 14.47
C THR B 178 -9.55 -29.98 13.50
N GLN B 179 -9.72 -29.55 12.26
CA GLN B 179 -8.65 -29.69 11.30
C GLN B 179 -7.79 -28.44 11.32
N VAL B 180 -6.49 -28.59 11.52
CA VAL B 180 -5.56 -27.45 11.53
C VAL B 180 -4.69 -27.51 10.28
N THR B 181 -4.71 -26.43 9.52
CA THR B 181 -3.96 -26.38 8.27
C THR B 181 -3.03 -25.19 8.35
N ILE B 182 -1.75 -25.40 8.00
CA ILE B 182 -0.74 -24.36 8.02
C ILE B 182 -0.32 -24.03 6.60
N TYR B 183 -0.33 -22.73 6.26
CA TYR B 183 0.28 -22.24 5.01
C TYR B 183 1.47 -21.35 5.34
N ARG B 184 2.49 -21.40 4.50
CA ARG B 184 3.62 -20.48 4.60
C ARG B 184 3.79 -19.70 3.28
N GLN B 185 4.09 -18.42 3.41
CA GLN B 185 4.29 -17.53 2.26
C GLN B 185 5.65 -17.77 1.63
N GLU B 186 5.66 -17.85 0.30
CA GLU B 186 6.91 -18.00 -0.46
C GLU B 186 7.01 -16.88 -1.48
#